data_5H07
#
_entry.id   5H07
#
_cell.length_a   98.765
_cell.length_b   80.972
_cell.length_c   65.352
_cell.angle_alpha   90.00
_cell.angle_beta   114.28
_cell.angle_gamma   90.00
#
_symmetry.space_group_name_H-M   'C 1 2 1'
#
loop_
_entity.id
_entity.type
_entity.pdbx_description
1 polymer Polyubiquitin-C
2 polymer 'TNFAIP3-interacting protein 2'
3 water water
#
loop_
_entity_poly.entity_id
_entity_poly.type
_entity_poly.pdbx_seq_one_letter_code
_entity_poly.pdbx_strand_id
1 'polypeptide(L)'
;MQIFVKTLTGKTITLEVEPSDTIENVKAKIQDKEGIPPDQQRLIFAGKQLEDGRTLSDYNIQKESTLHLVLRLRGGMQIF
VKTLTGKTITLEVEPSDTIENVKAKIQDKEGIPPDQQRLIFAGKQLEDGRTLSDYNIQKESTLHLVLRLRGGMQIFVKTL
TGKTITLEVEPSDTIENVKAKIQDKEGIPPDQQRLIFAGKQLEDGRTLSDYNIQKESTLHLVLRLRGG
;
A
2 'polypeptide(L)'
;GSHMRKEISRLNRQLEEKINDCAEVKQELAASRTARDAALERVQMLEQQILAYKDDFMSERADRERAQSRIQELEEKVAS
LLHQVSWRQDS
;
D,C
#
# COMPACT_ATOMS: atom_id res chain seq x y z
N MET A 1 18.52 3.06 -19.30
CA MET A 1 19.05 3.78 -18.16
C MET A 1 18.30 3.41 -16.88
N GLN A 2 18.82 3.82 -15.74
CA GLN A 2 18.16 3.56 -14.46
C GLN A 2 17.88 4.85 -13.70
N ILE A 3 16.76 4.86 -13.00
CA ILE A 3 16.39 6.01 -12.17
C ILE A 3 16.07 5.56 -10.75
N PHE A 4 15.93 6.52 -9.84
CA PHE A 4 15.62 6.21 -8.46
C PHE A 4 14.32 6.88 -8.03
N VAL A 5 13.58 6.23 -7.15
CA VAL A 5 12.32 6.75 -6.63
C VAL A 5 12.33 6.73 -5.11
N LYS A 6 12.27 7.91 -4.51
CA LYS A 6 12.38 8.03 -3.05
C LYS A 6 11.01 8.16 -2.40
N THR A 7 10.79 7.39 -1.33
CA THR A 7 9.53 7.42 -0.61
C THR A 7 9.70 8.04 0.78
N LEU A 8 8.59 8.43 1.39
CA LEU A 8 8.61 9.02 2.74
C LEU A 8 9.05 8.01 3.77
N THR A 9 8.92 6.73 3.42
CA THR A 9 9.22 5.63 4.32
C THR A 9 10.71 5.33 4.33
N GLY A 10 11.47 6.09 3.55
CA GLY A 10 12.91 5.98 3.52
C GLY A 10 13.44 5.16 2.36
N LYS A 11 12.60 4.26 1.84
CA LYS A 11 13.01 3.37 0.76
C LYS A 11 13.28 4.12 -0.53
N THR A 12 14.33 3.72 -1.23
CA THR A 12 14.66 4.30 -2.53
C THR A 12 14.69 3.22 -3.60
N ILE A 13 13.55 3.02 -4.27
CA ILE A 13 13.44 1.99 -5.30
C ILE A 13 14.31 2.32 -6.51
N THR A 14 14.95 1.31 -7.08
CA THR A 14 15.74 1.50 -8.29
C THR A 14 15.01 0.89 -9.49
N LEU A 15 14.78 1.71 -10.51
CA LEU A 15 14.03 1.26 -11.69
C LEU A 15 14.88 1.30 -12.94
N GLU A 16 14.57 0.41 -13.88
CA GLU A 16 15.23 0.38 -15.18
C GLU A 16 14.26 0.89 -16.25
N VAL A 17 14.58 2.03 -16.85
CA VAL A 17 13.66 2.67 -17.79
C VAL A 17 14.33 3.20 -19.05
N GLU A 18 13.52 3.73 -19.95
CA GLU A 18 14.01 4.44 -21.13
C GLU A 18 13.40 5.85 -21.12
N PRO A 19 14.08 6.82 -21.76
CA PRO A 19 13.56 8.19 -21.84
C PRO A 19 12.17 8.26 -22.48
N SER A 20 11.83 7.29 -23.32
CA SER A 20 10.54 7.29 -24.01
C SER A 20 9.44 6.65 -23.19
N ASP A 21 9.78 6.20 -21.98
CA ASP A 21 8.78 5.62 -21.08
C ASP A 21 7.82 6.68 -20.57
N THR A 22 6.53 6.36 -20.60
CA THR A 22 5.53 7.25 -20.02
C THR A 22 5.59 7.17 -18.51
N ILE A 23 4.99 8.15 -17.84
CA ILE A 23 4.89 8.13 -16.38
C ILE A 23 4.03 6.95 -15.96
N GLU A 24 3.02 6.65 -16.79
CA GLU A 24 2.13 5.52 -16.56
C GLU A 24 2.90 4.20 -16.52
N ASN A 25 3.81 4.02 -17.47
CA ASN A 25 4.66 2.83 -17.53
C ASN A 25 5.57 2.75 -16.31
N VAL A 26 6.12 3.88 -15.89
CA VAL A 26 6.97 3.94 -14.71
C VAL A 26 6.20 3.51 -13.48
N LYS A 27 4.96 3.99 -13.37
CA LYS A 27 4.09 3.59 -12.28
C LYS A 27 3.75 2.11 -12.35
N ALA A 28 3.67 1.58 -13.56
CA ALA A 28 3.44 0.15 -13.75
C ALA A 28 4.63 -0.66 -13.25
N LYS A 29 5.83 -0.14 -13.48
CA LYS A 29 7.05 -0.79 -13.02
C LYS A 29 7.15 -0.73 -11.49
N ILE A 30 6.77 0.41 -10.94
CA ILE A 30 6.69 0.57 -9.48
C ILE A 30 5.68 -0.42 -8.92
N GLN A 31 4.63 -0.69 -9.68
CA GLN A 31 3.64 -1.68 -9.28
C GLN A 31 4.23 -3.08 -9.28
N ASP A 32 4.95 -3.42 -10.35
CA ASP A 32 5.57 -4.74 -10.46
C ASP A 32 6.68 -4.96 -9.44
N LYS A 33 7.22 -3.86 -8.91
CA LYS A 33 8.36 -3.95 -8.00
C LYS A 33 8.01 -3.64 -6.54
N GLU A 34 6.77 -3.20 -6.30
CA GLU A 34 6.36 -2.79 -4.95
C GLU A 34 4.91 -3.17 -4.63
N GLY A 35 4.14 -3.52 -5.65
CA GLY A 35 2.76 -3.94 -5.45
C GLY A 35 1.81 -2.79 -5.14
N ILE A 36 2.07 -1.63 -5.69
CA ILE A 36 1.22 -0.46 -5.50
C ILE A 36 0.54 -0.07 -6.80
N PRO A 37 -0.81 0.02 -6.78
CA PRO A 37 -1.58 0.40 -7.97
C PRO A 37 -1.19 1.77 -8.50
N PRO A 38 -1.12 1.91 -9.84
CA PRO A 38 -0.67 3.15 -10.50
C PRO A 38 -1.52 4.36 -10.16
N ASP A 39 -2.82 4.17 -9.96
CA ASP A 39 -3.72 5.28 -9.67
C ASP A 39 -3.65 5.70 -8.21
N GLN A 40 -2.90 4.94 -7.42
CA GLN A 40 -2.64 5.30 -6.02
C GLN A 40 -1.23 5.85 -5.87
N GLN A 41 -0.54 6.02 -6.99
CA GLN A 41 0.81 6.57 -6.99
C GLN A 41 0.83 8.01 -7.49
N ARG A 42 1.58 8.86 -6.80
CA ARG A 42 1.78 10.22 -7.25
C ARG A 42 3.28 10.51 -7.37
N LEU A 43 3.75 10.68 -8.61
CA LEU A 43 5.16 10.90 -8.85
C LEU A 43 5.50 12.38 -8.99
N ILE A 44 6.55 12.81 -8.30
CA ILE A 44 6.98 14.19 -8.30
C ILE A 44 8.39 14.35 -8.86
N PHE A 45 8.54 15.20 -9.86
CA PHE A 45 9.86 15.60 -10.34
C PHE A 45 9.86 17.09 -10.65
N ALA A 46 10.88 17.79 -10.15
CA ALA A 46 11.03 19.23 -10.34
C ALA A 46 9.81 20.01 -9.87
N GLY A 47 9.21 19.55 -8.79
CA GLY A 47 8.05 20.21 -8.21
C GLY A 47 6.76 19.99 -8.98
N LYS A 48 6.83 19.22 -10.06
CA LYS A 48 5.66 18.97 -10.89
C LYS A 48 5.07 17.58 -10.63
N GLN A 49 3.75 17.53 -10.48
CA GLN A 49 3.06 16.23 -10.46
C GLN A 49 3.09 15.65 -11.87
N LEU A 50 3.85 14.58 -12.06
CA LEU A 50 4.02 13.98 -13.37
C LEU A 50 2.71 13.42 -13.90
N GLU A 51 2.43 13.70 -15.17
CA GLU A 51 1.20 13.23 -15.81
C GLU A 51 1.44 11.93 -16.56
N ASP A 52 0.54 10.97 -16.39
CA ASP A 52 0.70 9.62 -16.93
C ASP A 52 0.91 9.56 -18.44
N GLY A 53 0.31 10.51 -19.15
CA GLY A 53 0.39 10.54 -20.60
C GLY A 53 1.71 11.08 -21.14
N ARG A 54 2.46 11.75 -20.29
CA ARG A 54 3.73 12.34 -20.68
C ARG A 54 4.88 11.33 -20.52
N THR A 55 6.01 11.61 -21.15
CA THR A 55 7.17 10.73 -21.06
C THR A 55 8.23 11.30 -20.11
N LEU A 56 9.23 10.49 -19.79
CA LEU A 56 10.29 10.91 -18.89
C LEU A 56 11.14 12.02 -19.50
N SER A 57 11.26 11.99 -20.83
CA SER A 57 12.04 13.01 -21.54
C SER A 57 11.31 14.34 -21.55
N ASP A 58 9.99 14.30 -21.43
CA ASP A 58 9.17 15.51 -21.39
C ASP A 58 9.46 16.32 -20.13
N TYR A 59 9.93 15.65 -19.09
CA TYR A 59 10.29 16.31 -17.85
C TYR A 59 11.80 16.36 -17.67
N ASN A 60 12.52 16.09 -18.77
CA ASN A 60 13.99 16.09 -18.78
C ASN A 60 14.59 15.19 -17.70
N ILE A 61 13.89 14.10 -17.40
CA ILE A 61 14.37 13.15 -16.41
C ILE A 61 15.54 12.35 -16.96
N GLN A 62 16.74 12.71 -16.51
CA GLN A 62 17.98 12.13 -17.03
C GLN A 62 18.29 10.79 -16.37
N LYS A 63 19.46 10.25 -16.68
CA LYS A 63 19.96 9.05 -16.04
C LYS A 63 20.32 9.36 -14.59
N GLU A 64 20.16 8.38 -13.71
CA GLU A 64 20.45 8.52 -12.28
C GLU A 64 19.60 9.61 -11.63
N SER A 65 18.47 9.95 -12.24
CA SER A 65 17.59 10.98 -11.70
C SER A 65 16.75 10.44 -10.56
N THR A 66 16.21 11.34 -9.74
CA THR A 66 15.45 10.95 -8.56
C THR A 66 14.04 11.54 -8.55
N LEU A 67 13.04 10.66 -8.61
CA LEU A 67 11.64 11.06 -8.48
C LEU A 67 11.19 10.86 -7.04
N HIS A 68 10.06 11.45 -6.68
CA HIS A 68 9.52 11.28 -5.33
C HIS A 68 8.14 10.64 -5.36
N LEU A 69 7.96 9.60 -4.56
CA LEU A 69 6.69 8.88 -4.54
C LEU A 69 5.83 9.28 -3.35
N VAL A 70 4.64 9.80 -3.66
CA VAL A 70 3.64 10.09 -2.64
C VAL A 70 2.46 9.14 -2.83
N LEU A 71 2.11 8.41 -1.77
CA LEU A 71 1.06 7.40 -1.86
C LEU A 71 -0.31 7.96 -1.47
N ARG A 72 -1.34 7.52 -2.18
CA ARG A 72 -2.70 7.93 -1.90
C ARG A 72 -3.45 6.82 -1.19
N LEU A 73 -4.42 7.21 -0.35
CA LEU A 73 -5.18 6.24 0.43
C LEU A 73 -6.20 5.49 -0.41
N ARG A 74 -6.63 6.10 -1.50
CA ARG A 74 -7.62 5.48 -2.37
C ARG A 74 -7.33 5.71 -3.85
N GLY A 75 -7.77 4.77 -4.68
CA GLY A 75 -7.66 4.91 -6.12
C GLY A 75 -8.93 5.47 -6.71
N GLY A 76 -9.18 5.16 -7.98
CA GLY A 76 -10.34 5.67 -8.68
C GLY A 76 -11.56 4.76 -8.60
N MET A 77 -11.36 3.50 -8.23
CA MET A 77 -12.50 2.59 -8.11
C MET A 77 -12.43 1.69 -6.88
N GLN A 78 -13.53 1.70 -6.13
CA GLN A 78 -13.66 0.85 -4.96
C GLN A 78 -14.81 -0.15 -5.14
N ILE A 79 -14.61 -1.36 -4.64
CA ILE A 79 -15.71 -2.32 -4.55
C ILE A 79 -15.93 -2.67 -3.08
N PHE A 80 -17.09 -3.22 -2.78
CA PHE A 80 -17.41 -3.56 -1.39
C PHE A 80 -17.59 -5.07 -1.22
N VAL A 81 -16.86 -5.64 -0.27
CA VAL A 81 -17.01 -7.05 0.06
C VAL A 81 -17.86 -7.19 1.32
N LYS A 82 -18.94 -7.96 1.19
CA LYS A 82 -19.88 -8.18 2.29
C LYS A 82 -19.68 -9.54 2.95
N THR A 83 -19.28 -9.53 4.21
CA THR A 83 -19.20 -10.76 4.98
C THR A 83 -20.49 -10.99 5.76
N LEU A 84 -20.59 -12.13 6.43
CA LEU A 84 -21.82 -12.49 7.13
C LEU A 84 -21.95 -11.80 8.48
N THR A 85 -20.92 -11.07 8.89
CA THR A 85 -20.93 -10.41 10.19
C THR A 85 -21.47 -8.98 10.09
N GLY A 86 -21.57 -8.47 8.87
CA GLY A 86 -22.16 -7.16 8.65
C GLY A 86 -21.16 -6.10 8.20
N LYS A 87 -19.93 -6.18 8.69
CA LYS A 87 -18.91 -5.19 8.36
C LYS A 87 -18.61 -5.15 6.87
N THR A 88 -18.91 -4.02 6.24
CA THR A 88 -18.69 -3.86 4.80
C THR A 88 -17.25 -3.48 4.51
N ILE A 89 -16.48 -4.42 3.98
CA ILE A 89 -15.08 -4.16 3.65
C ILE A 89 -14.98 -3.37 2.36
N THR A 90 -14.06 -2.41 2.31
CA THR A 90 -13.86 -1.62 1.10
C THR A 90 -12.51 -1.95 0.45
N LEU A 91 -12.55 -2.23 -0.85
CA LEU A 91 -11.37 -2.62 -1.59
C LEU A 91 -11.04 -1.65 -2.73
N GLU A 92 -9.78 -1.22 -2.77
CA GLU A 92 -9.27 -0.43 -3.89
C GLU A 92 -8.89 -1.35 -5.04
N VAL A 93 -9.57 -1.20 -6.17
CA VAL A 93 -9.35 -2.09 -7.31
C VAL A 93 -9.32 -1.36 -8.64
N GLU A 94 -8.71 -1.98 -9.65
CA GLU A 94 -8.75 -1.50 -11.02
C GLU A 94 -9.42 -2.58 -11.89
N PRO A 95 -10.14 -2.18 -12.95
CA PRO A 95 -10.97 -3.12 -13.71
C PRO A 95 -10.15 -4.25 -14.32
N SER A 96 -8.85 -4.07 -14.42
CA SER A 96 -7.96 -5.09 -14.93
C SER A 96 -7.65 -6.17 -13.90
N ASP A 97 -8.05 -5.93 -12.66
CA ASP A 97 -7.78 -6.87 -11.58
C ASP A 97 -8.50 -8.20 -11.77
N THR A 98 -7.76 -9.29 -11.62
CA THR A 98 -8.36 -10.61 -11.61
C THR A 98 -8.95 -10.88 -10.24
N ILE A 99 -9.72 -11.96 -10.13
CA ILE A 99 -10.36 -12.31 -8.88
C ILE A 99 -9.31 -12.73 -7.85
N GLU A 100 -8.25 -13.37 -8.33
CA GLU A 100 -7.13 -13.75 -7.46
C GLU A 100 -6.48 -12.50 -6.86
N ASN A 101 -6.39 -11.44 -7.65
CA ASN A 101 -5.87 -10.16 -7.16
C ASN A 101 -6.76 -9.57 -6.07
N VAL A 102 -8.07 -9.64 -6.30
CA VAL A 102 -9.05 -9.16 -5.33
C VAL A 102 -8.92 -9.92 -4.02
N LYS A 103 -8.80 -11.25 -4.13
CA LYS A 103 -8.61 -12.09 -2.96
C LYS A 103 -7.30 -11.78 -2.27
N ALA A 104 -6.30 -11.36 -3.04
CA ALA A 104 -5.02 -10.97 -2.49
C ALA A 104 -5.15 -9.68 -1.69
N LYS A 105 -6.00 -8.77 -2.17
CA LYS A 105 -6.27 -7.53 -1.46
C LYS A 105 -7.02 -7.82 -0.16
N ILE A 106 -8.01 -8.71 -0.24
CA ILE A 106 -8.76 -9.16 0.93
C ILE A 106 -7.80 -9.81 1.93
N GLN A 107 -6.77 -10.46 1.42
CA GLN A 107 -5.76 -11.08 2.28
C GLN A 107 -4.92 -10.01 2.97
N ASP A 108 -4.44 -9.04 2.19
CA ASP A 108 -3.60 -7.97 2.74
C ASP A 108 -4.37 -7.11 3.74
N LYS A 109 -5.69 -7.10 3.63
CA LYS A 109 -6.50 -6.26 4.51
C LYS A 109 -7.05 -7.03 5.72
N GLU A 110 -7.27 -8.33 5.55
CA GLU A 110 -7.94 -9.13 6.59
C GLU A 110 -7.14 -10.35 7.02
N GLY A 111 -6.09 -10.68 6.27
CA GLY A 111 -5.22 -11.78 6.64
C GLY A 111 -5.66 -13.15 6.14
N ILE A 112 -6.87 -13.21 5.57
CA ILE A 112 -7.42 -14.47 5.09
C ILE A 112 -6.86 -14.83 3.71
N PRO A 113 -6.20 -16.00 3.61
CA PRO A 113 -5.60 -16.49 2.36
C PRO A 113 -6.62 -16.64 1.22
N PRO A 114 -6.21 -16.31 -0.01
CA PRO A 114 -7.07 -16.33 -1.20
C PRO A 114 -7.78 -17.67 -1.44
N ASP A 115 -7.08 -18.78 -1.21
CA ASP A 115 -7.66 -20.10 -1.47
C ASP A 115 -8.66 -20.51 -0.40
N GLN A 116 -8.81 -19.66 0.62
CA GLN A 116 -9.83 -19.87 1.65
C GLN A 116 -10.97 -18.89 1.46
N GLN A 117 -10.96 -18.17 0.35
CA GLN A 117 -12.00 -17.20 0.05
C GLN A 117 -12.96 -17.72 -1.00
N ARG A 118 -14.21 -17.29 -0.92
CA ARG A 118 -15.22 -17.69 -1.89
C ARG A 118 -16.09 -16.49 -2.25
N LEU A 119 -15.74 -15.81 -3.33
CA LEU A 119 -16.43 -14.58 -3.73
C LEU A 119 -17.61 -14.87 -4.64
N ILE A 120 -18.77 -14.30 -4.30
CA ILE A 120 -19.97 -14.46 -5.10
C ILE A 120 -20.54 -13.11 -5.50
N PHE A 121 -20.72 -12.90 -6.80
CA PHE A 121 -21.36 -11.68 -7.29
C PHE A 121 -22.60 -12.00 -8.10
N ALA A 122 -23.70 -11.36 -7.75
CA ALA A 122 -24.99 -11.55 -8.42
C ALA A 122 -25.41 -13.01 -8.45
N GLY A 123 -25.12 -13.73 -7.38
CA GLY A 123 -25.51 -15.13 -7.25
C GLY A 123 -24.56 -16.10 -7.93
N LYS A 124 -23.47 -15.58 -8.50
CA LYS A 124 -22.49 -16.42 -9.19
C LYS A 124 -21.13 -16.37 -8.51
N GLN A 125 -20.60 -17.54 -8.19
CA GLN A 125 -19.28 -17.63 -7.57
C GLN A 125 -18.20 -17.19 -8.55
N LEU A 126 -17.41 -16.21 -8.17
CA LEU A 126 -16.38 -15.66 -9.04
C LEU A 126 -15.21 -16.61 -9.21
N GLU A 127 -14.78 -16.79 -10.45
CA GLU A 127 -13.65 -17.67 -10.76
C GLU A 127 -12.35 -16.87 -10.73
N ASP A 128 -11.29 -17.50 -10.22
CA ASP A 128 -10.01 -16.83 -10.01
C ASP A 128 -9.39 -16.29 -11.31
N GLY A 129 -9.80 -16.85 -12.44
CA GLY A 129 -9.23 -16.48 -13.72
C GLY A 129 -9.74 -15.16 -14.29
N ARG A 130 -11.05 -15.03 -14.39
CA ARG A 130 -11.67 -13.84 -14.99
C ARG A 130 -11.36 -12.58 -14.20
N THR A 131 -11.53 -11.43 -14.87
CA THR A 131 -11.30 -10.13 -14.23
C THR A 131 -12.61 -9.55 -13.73
N LEU A 132 -12.52 -8.40 -13.07
CA LEU A 132 -13.70 -7.74 -12.52
C LEU A 132 -14.66 -7.30 -13.61
N SER A 133 -14.11 -6.82 -14.73
CA SER A 133 -14.93 -6.37 -15.84
C SER A 133 -15.70 -7.53 -16.49
N ASP A 134 -15.12 -8.73 -16.43
CA ASP A 134 -15.74 -9.92 -17.01
C ASP A 134 -17.11 -10.20 -16.40
N TYR A 135 -17.25 -9.93 -15.10
CA TYR A 135 -18.52 -10.13 -14.41
C TYR A 135 -19.33 -8.85 -14.37
N ASN A 136 -18.92 -7.86 -15.16
CA ASN A 136 -19.55 -6.54 -15.17
C ASN A 136 -19.56 -5.94 -13.77
N ILE A 137 -18.52 -6.22 -13.00
CA ILE A 137 -18.38 -5.69 -11.65
C ILE A 137 -18.03 -4.21 -11.73
N GLN A 138 -19.06 -3.37 -11.67
CA GLN A 138 -18.90 -1.93 -11.80
C GLN A 138 -18.43 -1.32 -10.48
N LYS A 139 -18.19 -0.01 -10.50
CA LYS A 139 -17.76 0.70 -9.29
C LYS A 139 -18.84 0.61 -8.22
N GLU A 140 -18.41 0.42 -6.98
CA GLU A 140 -19.29 0.35 -5.81
C GLU A 140 -20.25 -0.85 -5.83
N SER A 141 -20.03 -1.79 -6.73
CA SER A 141 -20.81 -3.02 -6.74
C SER A 141 -20.35 -3.92 -5.60
N THR A 142 -21.27 -4.65 -5.00
CA THR A 142 -20.96 -5.43 -3.81
C THR A 142 -20.86 -6.93 -4.08
N LEU A 143 -19.71 -7.50 -3.72
CA LEU A 143 -19.52 -8.94 -3.75
C LEU A 143 -19.84 -9.51 -2.37
N HIS A 144 -19.96 -10.84 -2.29
CA HIS A 144 -20.23 -11.50 -1.01
C HIS A 144 -19.14 -12.53 -0.72
N LEU A 145 -18.58 -12.43 0.47
CA LEU A 145 -17.49 -13.32 0.86
C LEU A 145 -18.00 -14.52 1.68
N VAL A 146 -17.61 -15.70 1.24
CA VAL A 146 -17.84 -16.92 2.01
C VAL A 146 -16.50 -17.48 2.46
N LEU A 147 -16.39 -17.79 3.74
CA LEU A 147 -15.12 -18.20 4.33
C LEU A 147 -14.90 -19.70 4.26
N ARG A 148 -13.62 -20.08 4.18
CA ARG A 148 -13.22 -21.48 4.24
C ARG A 148 -12.27 -21.68 5.41
N LEU A 149 -12.49 -22.73 6.18
CA LEU A 149 -11.70 -22.99 7.37
C LEU A 149 -10.30 -23.51 7.03
N ARG A 150 -10.18 -24.16 5.88
CA ARG A 150 -8.89 -24.67 5.43
C ARG A 150 -8.65 -24.38 3.95
N GLY A 151 -7.38 -24.27 3.59
CA GLY A 151 -7.00 -24.07 2.20
C GLY A 151 -6.79 -25.39 1.49
N GLY A 152 -6.03 -25.36 0.40
CA GLY A 152 -5.76 -26.55 -0.38
C GLY A 152 -4.47 -27.24 0.00
N MET A 153 -3.54 -26.49 0.57
CA MET A 153 -2.24 -27.04 0.93
C MET A 153 -1.85 -26.75 2.37
N GLN A 154 -1.59 -27.80 3.13
CA GLN A 154 -1.16 -27.66 4.52
C GLN A 154 0.25 -28.22 4.73
N ILE A 155 1.07 -27.49 5.48
CA ILE A 155 2.37 -27.99 5.90
C ILE A 155 2.46 -27.95 7.42
N PHE A 156 3.26 -28.84 7.98
CA PHE A 156 3.41 -28.93 9.43
C PHE A 156 4.79 -28.43 9.84
N VAL A 157 4.87 -27.82 11.01
CA VAL A 157 6.14 -27.28 11.51
C VAL A 157 6.42 -27.74 12.93
N LYS A 158 7.59 -28.35 13.14
CA LYS A 158 7.96 -28.87 14.44
C LYS A 158 8.85 -27.90 15.23
N THR A 159 8.42 -27.54 16.42
CA THR A 159 9.24 -26.72 17.32
C THR A 159 10.31 -27.60 17.94
N LEU A 160 11.31 -26.95 18.56
CA LEU A 160 12.40 -27.68 19.19
C LEU A 160 11.94 -28.33 20.50
N THR A 161 10.71 -28.03 20.90
CA THR A 161 10.13 -28.60 22.11
C THR A 161 9.16 -29.73 21.77
N GLY A 162 9.32 -30.32 20.59
CA GLY A 162 8.54 -31.48 20.19
C GLY A 162 7.15 -31.17 19.67
N LYS A 163 6.69 -29.94 19.89
CA LYS A 163 5.34 -29.55 19.48
C LYS A 163 5.27 -29.20 17.99
N THR A 164 4.41 -29.90 17.27
CA THR A 164 4.20 -29.63 15.85
C THR A 164 2.88 -28.88 15.65
N ILE A 165 2.84 -28.05 14.62
CA ILE A 165 1.63 -27.27 14.32
C ILE A 165 1.32 -27.23 12.83
N THR A 166 0.04 -27.26 12.49
CA THR A 166 -0.38 -27.21 11.09
C THR A 166 -0.28 -25.78 10.56
N LEU A 167 -0.36 -25.63 9.24
CA LEU A 167 -0.23 -24.33 8.61
C LEU A 167 -0.81 -24.33 7.20
N GLU A 168 -1.70 -23.37 6.93
CA GLU A 168 -2.30 -23.22 5.61
C GLU A 168 -1.42 -22.36 4.72
N VAL A 169 -0.91 -22.95 3.64
CA VAL A 169 0.03 -22.23 2.77
C VAL A 169 -0.26 -22.43 1.28
N GLU A 170 0.46 -21.67 0.46
CA GLU A 170 0.39 -21.80 -0.99
C GLU A 170 1.81 -21.94 -1.54
N PRO A 171 1.96 -22.62 -2.69
CA PRO A 171 3.28 -22.83 -3.30
C PRO A 171 4.07 -21.55 -3.57
N SER A 172 3.37 -20.41 -3.65
CA SER A 172 4.02 -19.14 -3.94
C SER A 172 4.47 -18.42 -2.67
N ASP A 173 4.07 -18.94 -1.51
CA ASP A 173 4.41 -18.32 -0.23
C ASP A 173 5.91 -18.34 0.04
N THR A 174 6.47 -17.15 0.28
CA THR A 174 7.87 -17.03 0.65
C THR A 174 8.07 -17.52 2.09
N ILE A 175 9.31 -17.82 2.43
CA ILE A 175 9.64 -18.31 3.77
C ILE A 175 9.36 -17.24 4.83
N GLU A 176 9.45 -15.98 4.41
CA GLU A 176 9.15 -14.85 5.29
C GLU A 176 7.71 -14.89 5.79
N ASN A 177 6.77 -15.09 4.87
CA ASN A 177 5.36 -15.14 5.21
C ASN A 177 4.97 -16.42 5.94
N VAL A 178 5.73 -17.49 5.72
CA VAL A 178 5.55 -18.71 6.48
C VAL A 178 5.97 -18.44 7.92
N LYS A 179 7.07 -17.72 8.08
CA LYS A 179 7.51 -17.25 9.39
C LYS A 179 6.47 -16.34 10.03
N ALA A 180 5.73 -15.62 9.18
CA ALA A 180 4.66 -14.75 9.66
C ALA A 180 3.47 -15.56 10.17
N LYS A 181 3.20 -16.68 9.48
CA LYS A 181 2.12 -17.57 9.90
C LYS A 181 2.48 -18.26 11.22
N ILE A 182 3.74 -18.67 11.34
CA ILE A 182 4.25 -19.23 12.58
C ILE A 182 4.18 -18.17 13.68
N GLN A 183 4.37 -16.91 13.29
CA GLN A 183 4.32 -15.79 14.22
C GLN A 183 2.89 -15.57 14.73
N ASP A 184 1.91 -15.78 13.85
CA ASP A 184 0.51 -15.60 14.22
C ASP A 184 0.01 -16.76 15.09
N LYS A 185 0.30 -17.98 14.66
CA LYS A 185 -0.22 -19.16 15.36
C LYS A 185 0.49 -19.43 16.68
N GLU A 186 1.82 -19.47 16.66
CA GLU A 186 2.58 -19.83 17.85
C GLU A 186 2.99 -18.59 18.64
N GLY A 187 3.45 -17.55 17.95
CA GLY A 187 3.81 -16.31 18.60
C GLY A 187 5.26 -15.90 18.38
N ILE A 188 6.07 -16.82 17.87
CA ILE A 188 7.50 -16.58 17.68
C ILE A 188 7.76 -15.54 16.59
N PRO A 189 8.39 -14.41 16.97
CA PRO A 189 8.73 -13.33 16.03
C PRO A 189 9.65 -13.82 14.91
N PRO A 190 9.47 -13.28 13.69
CA PRO A 190 10.17 -13.72 12.48
C PRO A 190 11.69 -13.65 12.57
N ASP A 191 12.24 -12.72 13.35
CA ASP A 191 13.68 -12.54 13.40
C ASP A 191 14.36 -13.51 14.38
N GLN A 192 13.57 -14.11 15.28
CA GLN A 192 14.13 -15.09 16.21
C GLN A 192 14.07 -16.51 15.68
N GLN A 193 13.10 -16.78 14.82
CA GLN A 193 12.90 -18.12 14.30
C GLN A 193 13.70 -18.41 13.04
N ARG A 194 14.37 -19.55 13.02
CA ARG A 194 15.09 -20.02 11.84
C ARG A 194 14.44 -21.29 11.30
N LEU A 195 14.06 -21.26 10.02
CA LEU A 195 13.36 -22.38 9.40
C LEU A 195 14.32 -23.30 8.67
N ILE A 196 14.22 -24.60 8.95
CA ILE A 196 15.11 -25.59 8.36
C ILE A 196 14.33 -26.70 7.64
N PHE A 197 14.65 -26.91 6.37
CA PHE A 197 14.05 -27.98 5.59
C PHE A 197 15.10 -28.61 4.66
N ALA A 198 14.99 -29.91 4.46
CA ALA A 198 15.93 -30.68 3.64
C ALA A 198 17.37 -30.49 4.11
N GLY A 199 17.54 -30.30 5.41
CA GLY A 199 18.85 -30.14 6.00
C GLY A 199 19.54 -28.83 5.64
N LYS A 200 18.75 -27.81 5.32
CA LYS A 200 19.31 -26.51 4.95
C LYS A 200 18.50 -25.34 5.50
N GLN A 201 19.18 -24.21 5.67
CA GLN A 201 18.56 -22.97 6.11
C GLN A 201 17.63 -22.40 5.02
N LEU A 202 16.43 -22.02 5.43
CA LEU A 202 15.47 -21.45 4.49
C LEU A 202 15.56 -19.92 4.48
N GLU A 203 15.80 -19.36 3.29
CA GLU A 203 15.97 -17.92 3.13
C GLU A 203 14.63 -17.23 2.93
N ASP A 204 14.50 -16.03 3.49
CA ASP A 204 13.22 -15.31 3.53
C ASP A 204 12.74 -14.82 2.16
N GLY A 205 13.57 -14.95 1.14
CA GLY A 205 13.21 -14.49 -0.19
C GLY A 205 12.66 -15.58 -1.07
N ARG A 206 13.05 -16.82 -0.79
CA ARG A 206 12.64 -17.97 -1.59
C ARG A 206 11.22 -18.41 -1.27
N THR A 207 10.45 -18.74 -2.31
CA THR A 207 9.09 -19.23 -2.12
C THR A 207 9.12 -20.69 -1.69
N LEU A 208 7.94 -21.24 -1.39
CA LEU A 208 7.83 -22.63 -0.96
C LEU A 208 8.07 -23.58 -2.13
N SER A 209 7.80 -23.08 -3.34
CA SER A 209 8.01 -23.87 -4.55
C SER A 209 9.48 -23.87 -4.96
N ASP A 210 10.22 -22.89 -4.46
CA ASP A 210 11.66 -22.80 -4.74
C ASP A 210 12.40 -23.97 -4.09
N TYR A 211 11.97 -24.35 -2.89
CA TYR A 211 12.49 -25.53 -2.23
C TYR A 211 11.61 -26.73 -2.55
N ASN A 212 10.73 -26.55 -3.54
CA ASN A 212 9.71 -27.53 -3.94
C ASN A 212 9.09 -28.30 -2.78
N ILE A 213 8.79 -27.58 -1.71
CA ILE A 213 8.13 -28.16 -0.54
C ILE A 213 6.69 -28.47 -0.86
N GLN A 214 6.35 -29.75 -0.98
CA GLN A 214 4.99 -30.15 -1.33
C GLN A 214 4.08 -30.14 -0.10
N LYS A 215 2.84 -30.57 -0.30
CA LYS A 215 1.86 -30.61 0.77
C LYS A 215 2.19 -31.68 1.80
N GLU A 216 1.70 -31.48 3.02
CA GLU A 216 1.93 -32.39 4.14
C GLU A 216 3.42 -32.63 4.41
N SER A 217 4.25 -31.65 4.07
CA SER A 217 5.68 -31.74 4.34
C SER A 217 6.03 -31.07 5.66
N THR A 218 6.86 -31.75 6.46
CA THR A 218 7.21 -31.25 7.79
C THR A 218 8.50 -30.43 7.77
N LEU A 219 8.39 -29.18 8.19
CA LEU A 219 9.54 -28.29 8.33
C LEU A 219 9.99 -28.26 9.78
N HIS A 220 11.29 -28.12 9.99
CA HIS A 220 11.85 -28.13 11.34
C HIS A 220 12.28 -26.73 11.77
N LEU A 221 11.62 -26.21 12.80
CA LEU A 221 11.87 -24.85 13.27
C LEU A 221 12.84 -24.81 14.44
N VAL A 222 13.79 -23.89 14.39
CA VAL A 222 14.72 -23.66 15.50
C VAL A 222 14.80 -22.17 15.80
N LEU A 223 15.70 -21.79 16.70
CA LEU A 223 15.94 -20.39 17.02
C LEU A 223 17.41 -20.12 17.29
N SER B 9 59.26 18.32 -4.86
CA SER B 9 57.85 17.99 -4.70
C SER B 9 57.22 18.77 -3.55
N ARG B 10 57.17 20.10 -3.72
CA ARG B 10 56.57 20.98 -2.73
C ARG B 10 55.05 21.01 -2.89
N LEU B 11 54.60 20.93 -4.14
CA LEU B 11 53.18 21.02 -4.46
C LEU B 11 52.38 19.85 -3.92
N ASN B 12 53.04 18.70 -3.76
CA ASN B 12 52.39 17.54 -3.13
C ASN B 12 52.09 17.83 -1.66
N ARG B 13 53.11 18.32 -0.96
CA ARG B 13 52.98 18.73 0.44
C ARG B 13 51.89 19.78 0.60
N GLN B 14 51.90 20.76 -0.30
CA GLN B 14 50.89 21.82 -0.27
C GLN B 14 49.50 21.27 -0.54
N LEU B 15 49.41 20.24 -1.38
CA LEU B 15 48.15 19.58 -1.66
C LEU B 15 47.59 18.90 -0.41
N GLU B 16 48.44 18.10 0.22
CA GLU B 16 48.03 17.40 1.45
C GLU B 16 47.65 18.38 2.54
N GLU B 17 48.42 19.46 2.67
CA GLU B 17 48.16 20.48 3.69
C GLU B 17 46.84 21.21 3.43
N LYS B 18 46.58 21.56 2.18
CA LYS B 18 45.35 22.24 1.82
C LYS B 18 44.14 21.34 2.04
N ILE B 19 44.29 20.05 1.74
CA ILE B 19 43.23 19.09 1.98
C ILE B 19 42.96 18.94 3.47
N ASN B 20 44.03 18.91 4.27
CA ASN B 20 43.91 18.69 5.71
C ASN B 20 43.63 19.94 6.54
N ASP B 21 43.71 21.12 5.91
CA ASP B 21 43.49 22.36 6.62
C ASP B 21 42.01 22.54 7.00
N CYS B 22 41.73 22.43 8.29
CA CYS B 22 40.35 22.46 8.81
C CYS B 22 39.48 21.44 8.10
N ALA B 23 40.08 20.32 7.71
CA ALA B 23 39.40 19.28 6.95
C ALA B 23 38.20 18.72 7.70
N GLU B 24 38.37 18.51 9.00
CA GLU B 24 37.33 17.91 9.83
C GLU B 24 36.08 18.79 9.90
N VAL B 25 36.28 20.09 10.15
CA VAL B 25 35.17 21.03 10.24
C VAL B 25 34.50 21.22 8.88
N LYS B 26 35.30 21.16 7.81
CA LYS B 26 34.76 21.28 6.45
C LYS B 26 33.87 20.09 6.10
N GLN B 27 34.37 18.89 6.36
CA GLN B 27 33.60 17.67 6.10
C GLN B 27 32.34 17.65 6.96
N GLU B 28 32.47 18.07 8.22
CA GLU B 28 31.32 18.20 9.11
C GLU B 28 30.29 19.16 8.53
N LEU B 29 30.77 20.27 7.98
CA LEU B 29 29.89 21.27 7.36
C LEU B 29 29.14 20.68 6.17
N ALA B 30 29.87 19.92 5.34
CA ALA B 30 29.27 19.30 4.17
C ALA B 30 28.17 18.32 4.57
N ALA B 31 28.51 17.38 5.45
CA ALA B 31 27.54 16.38 5.92
C ALA B 31 26.33 17.06 6.57
N SER B 32 26.59 18.11 7.34
CA SER B 32 25.54 18.86 8.01
C SER B 32 24.60 19.54 7.02
N ARG B 33 25.16 20.12 5.97
CA ARG B 33 24.35 20.74 4.92
C ARG B 33 23.47 19.68 4.26
N THR B 34 24.07 18.53 3.96
CA THR B 34 23.32 17.42 3.37
C THR B 34 22.14 17.01 4.25
N ALA B 35 22.38 16.86 5.55
CA ALA B 35 21.33 16.49 6.51
C ALA B 35 20.23 17.54 6.56
N ARG B 36 20.63 18.81 6.68
CA ARG B 36 19.70 19.94 6.72
C ARG B 36 18.76 19.93 5.53
N ASP B 37 19.34 19.89 4.33
CA ASP B 37 18.55 19.94 3.11
C ASP B 37 17.72 18.68 2.91
N ALA B 38 18.20 17.56 3.44
CA ALA B 38 17.40 16.34 3.45
C ALA B 38 16.15 16.55 4.27
N ALA B 39 16.31 17.22 5.42
CA ALA B 39 15.20 17.52 6.30
C ALA B 39 14.20 18.48 5.63
N LEU B 40 14.72 19.53 4.99
CA LEU B 40 13.85 20.48 4.30
C LEU B 40 13.07 19.83 3.15
N GLU B 41 13.75 19.00 2.38
CA GLU B 41 13.12 18.28 1.28
C GLU B 41 12.04 17.34 1.82
N ARG B 42 12.33 16.71 2.96
CA ARG B 42 11.33 15.87 3.63
C ARG B 42 10.12 16.71 4.07
N VAL B 43 10.37 17.96 4.47
CA VAL B 43 9.29 18.88 4.81
C VAL B 43 8.38 19.09 3.60
N GLN B 44 8.98 19.44 2.48
CA GLN B 44 8.23 19.61 1.23
C GLN B 44 7.40 18.37 0.89
N MET B 45 8.03 17.21 1.00
CA MET B 45 7.37 15.95 0.68
C MET B 45 6.21 15.63 1.61
N LEU B 46 6.36 15.97 2.89
CA LEU B 46 5.29 15.78 3.86
C LEU B 46 4.12 16.70 3.53
N GLU B 47 4.43 17.91 3.08
CA GLU B 47 3.39 18.83 2.64
C GLU B 47 2.63 18.24 1.46
N GLN B 48 3.36 17.65 0.52
CA GLN B 48 2.74 16.97 -0.62
C GLN B 48 1.85 15.81 -0.16
N GLN B 49 2.30 15.09 0.88
CA GLN B 49 1.51 14.00 1.45
C GLN B 49 0.20 14.51 2.04
N ILE B 50 0.30 15.66 2.71
CA ILE B 50 -0.88 16.35 3.24
C ILE B 50 -1.86 16.65 2.12
N LEU B 51 -1.36 17.23 1.04
CA LEU B 51 -2.18 17.53 -0.12
C LEU B 51 -2.88 16.28 -0.66
N ALA B 52 -2.12 15.19 -0.76
CA ALA B 52 -2.64 13.92 -1.27
C ALA B 52 -3.77 13.36 -0.41
N TYR B 53 -3.54 13.27 0.89
CA TYR B 53 -4.55 12.76 1.81
C TYR B 53 -5.81 13.65 1.79
N LYS B 54 -5.59 14.95 1.66
CA LYS B 54 -6.69 15.90 1.53
C LYS B 54 -7.54 15.57 0.31
N ASP B 55 -6.87 15.34 -0.82
CA ASP B 55 -7.55 14.94 -2.05
C ASP B 55 -8.36 13.66 -1.85
N ASP B 56 -7.74 12.67 -1.24
CA ASP B 56 -8.41 11.41 -0.92
C ASP B 56 -9.70 11.65 -0.14
N PHE B 57 -9.61 12.49 0.88
CA PHE B 57 -10.80 12.83 1.67
C PHE B 57 -11.87 13.48 0.81
N MET B 58 -11.47 14.39 -0.08
CA MET B 58 -12.42 15.05 -0.96
C MET B 58 -13.17 14.01 -1.80
N SER B 59 -12.43 13.05 -2.34
CA SER B 59 -13.05 11.99 -3.13
C SER B 59 -14.03 11.16 -2.30
N GLU B 60 -13.62 10.74 -1.11
CA GLU B 60 -14.48 9.94 -0.24
C GLU B 60 -15.75 10.69 0.16
N ARG B 61 -15.62 11.98 0.44
CA ARG B 61 -16.76 12.81 0.78
C ARG B 61 -17.71 12.92 -0.42
N ALA B 62 -17.12 13.02 -1.61
CA ALA B 62 -17.93 13.05 -2.83
C ALA B 62 -18.75 11.78 -2.99
N ASP B 63 -18.09 10.63 -2.89
CA ASP B 63 -18.77 9.35 -3.01
C ASP B 63 -19.82 9.12 -1.92
N ARG B 64 -19.52 9.62 -0.72
CA ARG B 64 -20.42 9.51 0.42
C ARG B 64 -21.68 10.34 0.18
N GLU B 65 -21.49 11.54 -0.37
CA GLU B 65 -22.59 12.40 -0.73
C GLU B 65 -23.46 11.76 -1.80
N ARG B 66 -22.81 11.13 -2.79
CA ARG B 66 -23.53 10.43 -3.84
C ARG B 66 -24.37 9.30 -3.27
N ALA B 67 -23.76 8.52 -2.38
CA ALA B 67 -24.44 7.40 -1.73
C ALA B 67 -25.64 7.89 -0.92
N GLN B 68 -25.47 9.03 -0.27
CA GLN B 68 -26.56 9.62 0.52
C GLN B 68 -27.71 10.08 -0.38
N SER B 69 -27.36 10.67 -1.53
CA SER B 69 -28.35 11.05 -2.52
C SER B 69 -29.15 9.83 -2.97
N ARG B 70 -28.43 8.75 -3.25
CA ARG B 70 -29.06 7.49 -3.64
C ARG B 70 -29.99 6.98 -2.54
N ILE B 71 -29.55 7.12 -1.29
CA ILE B 71 -30.36 6.74 -0.14
C ILE B 71 -31.67 7.52 -0.12
N GLN B 72 -31.58 8.83 -0.34
CA GLN B 72 -32.76 9.69 -0.40
C GLN B 72 -33.72 9.22 -1.48
N GLU B 73 -33.19 9.00 -2.69
CA GLU B 73 -34.01 8.53 -3.80
C GLU B 73 -34.71 7.21 -3.48
N LEU B 74 -33.98 6.29 -2.86
CA LEU B 74 -34.52 4.99 -2.51
C LEU B 74 -35.60 5.08 -1.42
N GLU B 75 -35.42 6.02 -0.48
CA GLU B 75 -36.40 6.24 0.57
C GLU B 75 -37.68 6.83 -0.03
N GLU B 76 -37.51 7.70 -1.01
CA GLU B 76 -38.65 8.28 -1.70
C GLU B 76 -39.42 7.20 -2.46
N LYS B 77 -38.69 6.32 -3.13
CA LYS B 77 -39.32 5.20 -3.84
C LYS B 77 -40.02 4.25 -2.89
N VAL B 78 -39.42 4.01 -1.73
CA VAL B 78 -40.01 3.14 -0.71
C VAL B 78 -41.30 3.74 -0.17
N ALA B 79 -41.27 5.03 0.14
CA ALA B 79 -42.47 5.72 0.62
C ALA B 79 -43.56 5.69 -0.43
N SER B 80 -43.16 5.84 -1.70
CA SER B 80 -44.10 5.78 -2.81
C SER B 80 -44.77 4.42 -2.91
N LEU B 81 -43.96 3.36 -2.82
CA LEU B 81 -44.49 2.00 -2.91
C LEU B 81 -45.31 1.62 -1.68
N LEU B 82 -45.05 2.30 -0.56
CA LEU B 82 -45.83 2.09 0.65
C LEU B 82 -47.17 2.80 0.54
N HIS B 83 -47.17 3.93 -0.17
CA HIS B 83 -48.42 4.64 -0.46
C HIS B 83 -49.33 3.77 -1.31
N GLN B 84 -48.73 2.98 -2.21
CA GLN B 84 -49.48 2.15 -3.14
C GLN B 84 -49.98 0.86 -2.50
N VAL B 85 -50.61 1.00 -1.33
CA VAL B 85 -51.27 -0.12 -0.67
C VAL B 85 -52.76 0.16 -0.57
N SER B 86 -53.16 1.34 -1.03
CA SER B 86 -54.56 1.75 -1.01
C SER B 86 -55.36 1.03 -2.09
N ASP C 21 41.53 29.25 14.57
CA ASP C 21 41.42 27.88 14.08
C ASP C 21 40.10 27.69 13.34
N CYS C 22 40.04 28.21 12.12
CA CYS C 22 38.87 28.15 11.23
C CYS C 22 37.53 28.29 11.96
N ALA C 23 37.29 29.47 12.54
CA ALA C 23 36.08 29.72 13.30
C ALA C 23 34.88 29.99 12.39
N GLU C 24 35.14 30.50 11.19
CA GLU C 24 34.09 30.80 10.22
C GLU C 24 33.35 29.54 9.79
N VAL C 25 34.12 28.50 9.47
CA VAL C 25 33.55 27.22 9.08
C VAL C 25 32.71 26.65 10.21
N LYS C 26 33.18 26.86 11.44
CA LYS C 26 32.43 26.45 12.63
C LYS C 26 31.11 27.21 12.73
N GLN C 27 31.16 28.49 12.39
CA GLN C 27 29.96 29.34 12.38
C GLN C 27 28.93 28.76 11.42
N GLU C 28 29.36 28.54 10.18
CA GLU C 28 28.48 27.96 9.17
C GLU C 28 27.94 26.59 9.59
N LEU C 29 28.78 25.83 10.30
CA LEU C 29 28.39 24.51 10.79
C LEU C 29 27.26 24.62 11.82
N ALA C 30 27.42 25.53 12.77
CA ALA C 30 26.40 25.78 13.78
C ALA C 30 25.10 26.23 13.13
N ALA C 31 25.20 27.12 12.16
CA ALA C 31 24.04 27.59 11.42
C ALA C 31 23.30 26.42 10.75
N SER C 32 24.06 25.62 10.02
CA SER C 32 23.53 24.46 9.31
C SER C 32 22.80 23.50 10.26
N ARG C 33 23.41 23.26 11.41
CA ARG C 33 22.81 22.37 12.41
C ARG C 33 21.52 22.95 12.98
N THR C 34 21.50 24.26 13.22
CA THR C 34 20.30 24.93 13.70
C THR C 34 19.15 24.78 12.71
N ALA C 35 19.43 25.10 11.45
CA ALA C 35 18.44 24.95 10.38
C ALA C 35 17.93 23.52 10.32
N ARG C 36 18.85 22.56 10.47
CA ARG C 36 18.50 21.14 10.49
C ARG C 36 17.48 20.84 11.59
N ASP C 37 17.79 21.26 12.81
CA ASP C 37 16.89 21.04 13.95
C ASP C 37 15.50 21.63 13.73
N ALA C 38 15.46 22.90 13.34
CA ALA C 38 14.19 23.58 13.06
C ALA C 38 13.37 22.78 12.03
N ALA C 39 14.04 22.37 10.96
CA ALA C 39 13.42 21.55 9.92
C ALA C 39 12.82 20.27 10.51
N LEU C 40 13.54 19.64 11.42
CA LEU C 40 13.06 18.41 12.05
C LEU C 40 11.78 18.65 12.88
N GLU C 41 11.74 19.75 13.63
CA GLU C 41 10.53 20.09 14.38
C GLU C 41 9.33 20.28 13.45
N ARG C 42 9.54 21.06 12.39
CA ARG C 42 8.50 21.26 11.40
C ARG C 42 8.02 19.92 10.84
N VAL C 43 8.96 19.01 10.60
CA VAL C 43 8.64 17.65 10.17
C VAL C 43 7.68 17.00 11.16
N GLN C 44 8.00 17.09 12.45
CA GLN C 44 7.13 16.51 13.48
C GLN C 44 5.68 17.01 13.38
N MET C 45 5.49 18.33 13.38
CA MET C 45 4.12 18.83 13.33
C MET C 45 3.43 18.43 12.01
N LEU C 46 4.20 18.37 10.94
CA LEU C 46 3.67 17.91 9.66
C LEU C 46 3.15 16.47 9.77
N GLU C 47 3.88 15.64 10.51
CA GLU C 47 3.43 14.28 10.79
C GLU C 47 2.08 14.32 11.48
N GLN C 48 1.96 15.21 12.47
CA GLN C 48 0.68 15.38 13.17
C GLN C 48 -0.47 15.67 12.20
N GLN C 49 -0.27 16.68 11.34
CA GLN C 49 -1.30 17.06 10.36
C GLN C 49 -1.67 15.90 9.43
N ILE C 50 -0.65 15.18 8.97
CA ILE C 50 -0.85 14.02 8.11
C ILE C 50 -1.76 13.00 8.78
N LEU C 51 -1.45 12.65 10.03
CA LEU C 51 -2.28 11.70 10.76
C LEU C 51 -3.71 12.22 10.91
N ALA C 52 -3.85 13.53 11.10
CA ALA C 52 -5.18 14.13 11.17
C ALA C 52 -5.98 13.88 9.91
N TYR C 53 -5.42 14.24 8.76
CA TYR C 53 -6.14 14.07 7.48
C TYR C 53 -6.42 12.60 7.18
N LYS C 54 -5.48 11.72 7.51
CA LYS C 54 -5.68 10.29 7.33
C LYS C 54 -6.87 9.81 8.17
N ASP C 55 -6.95 10.29 9.40
CA ASP C 55 -8.08 9.96 10.27
C ASP C 55 -9.39 10.43 9.67
N ASP C 56 -9.39 11.65 9.14
CA ASP C 56 -10.57 12.18 8.44
C ASP C 56 -11.01 11.24 7.33
N PHE C 57 -10.04 10.79 6.53
CA PHE C 57 -10.31 9.83 5.46
C PHE C 57 -10.96 8.57 5.98
N MET C 58 -10.37 7.98 7.02
CA MET C 58 -10.86 6.73 7.58
C MET C 58 -12.30 6.86 8.07
N SER C 59 -12.58 7.94 8.79
CA SER C 59 -13.92 8.19 9.29
C SER C 59 -14.93 8.33 8.14
N GLU C 60 -14.56 9.15 7.15
CA GLU C 60 -15.42 9.37 5.98
C GLU C 60 -15.71 8.05 5.27
N ARG C 61 -14.69 7.20 5.17
CA ARG C 61 -14.83 5.89 4.56
C ARG C 61 -15.80 5.02 5.35
N ALA C 62 -15.70 5.09 6.68
CA ALA C 62 -16.62 4.36 7.55
C ALA C 62 -18.08 4.76 7.27
N ASP C 63 -18.33 6.07 7.31
CA ASP C 63 -19.67 6.59 7.02
C ASP C 63 -20.15 6.16 5.64
N ARG C 64 -19.23 6.14 4.68
CA ARG C 64 -19.52 5.73 3.31
C ARG C 64 -19.99 4.27 3.28
N GLU C 65 -19.29 3.42 4.02
CA GLU C 65 -19.62 2.00 4.12
C GLU C 65 -21.00 1.81 4.74
N ARG C 66 -21.28 2.53 5.82
CA ARG C 66 -22.61 2.50 6.43
C ARG C 66 -23.69 2.89 5.42
N ALA C 67 -23.44 3.98 4.70
CA ALA C 67 -24.36 4.45 3.67
C ALA C 67 -24.63 3.38 2.63
N GLN C 68 -23.59 2.66 2.24
CA GLN C 68 -23.74 1.57 1.27
C GLN C 68 -24.59 0.43 1.83
N SER C 69 -24.39 0.12 3.11
CA SER C 69 -25.23 -0.88 3.78
C SER C 69 -26.70 -0.46 3.69
N ARG C 70 -26.98 0.78 4.07
CA ARG C 70 -28.34 1.31 4.01
C ARG C 70 -28.91 1.25 2.59
N ILE C 71 -28.06 1.50 1.61
CA ILE C 71 -28.45 1.39 0.20
C ILE C 71 -28.89 -0.03 -0.13
N GLN C 72 -28.10 -1.01 0.29
CA GLN C 72 -28.45 -2.41 0.08
C GLN C 72 -29.80 -2.74 0.71
N GLU C 73 -29.99 -2.32 1.95
CA GLU C 73 -31.24 -2.52 2.66
C GLU C 73 -32.43 -1.96 1.89
N LEU C 74 -32.34 -0.68 1.53
CA LEU C 74 -33.40 0.01 0.80
C LEU C 74 -33.68 -0.63 -0.55
N GLU C 75 -32.63 -1.16 -1.18
CA GLU C 75 -32.79 -1.85 -2.45
C GLU C 75 -33.61 -3.13 -2.28
N GLU C 76 -33.27 -3.90 -1.25
CA GLU C 76 -34.03 -5.11 -0.96
C GLU C 76 -35.49 -4.75 -0.66
N LYS C 77 -35.69 -3.68 0.10
CA LYS C 77 -37.03 -3.19 0.42
C LYS C 77 -37.82 -2.84 -0.83
N VAL C 78 -37.17 -2.14 -1.76
CA VAL C 78 -37.82 -1.74 -3.01
C VAL C 78 -38.18 -2.97 -3.84
N ALA C 79 -37.28 -3.94 -3.90
CA ALA C 79 -37.55 -5.18 -4.62
C ALA C 79 -38.76 -5.90 -4.03
N SER C 80 -38.80 -5.98 -2.70
CA SER C 80 -39.88 -6.64 -1.99
C SER C 80 -41.23 -5.94 -2.22
N LEU C 81 -41.23 -4.61 -2.10
CA LEU C 81 -42.44 -3.84 -2.28
C LEU C 81 -42.94 -3.91 -3.72
N LEU C 82 -42.01 -3.93 -4.67
CA LEU C 82 -42.36 -4.12 -6.08
C LEU C 82 -42.94 -5.51 -6.29
N HIS C 83 -42.47 -6.47 -5.49
CA HIS C 83 -43.00 -7.82 -5.54
C HIS C 83 -44.42 -7.88 -4.96
N GLN C 84 -44.69 -6.99 -4.01
CA GLN C 84 -46.00 -6.96 -3.34
C GLN C 84 -47.07 -6.23 -4.15
N VAL C 85 -46.79 -4.97 -4.48
CA VAL C 85 -47.75 -4.12 -5.18
C VAL C 85 -48.01 -4.66 -6.60
N SER C 86 -47.13 -5.53 -7.07
CA SER C 86 -47.32 -6.20 -8.36
C SER C 86 -48.63 -6.96 -8.41
#